data_9CEK
#
_entry.id   9CEK
#
_cell.length_a   46.922
_cell.length_b   64.058
_cell.length_c   103.116
_cell.angle_alpha   90.000
_cell.angle_beta   90.850
_cell.angle_gamma   90.000
#
_symmetry.space_group_name_H-M   'P 1 21 1'
#
loop_
_entity.id
_entity.type
_entity.pdbx_description
1 polymer '3C-like proteinase nsp5'
2 non-polymer 'L(+)-TARTARIC ACID'
3 non-polymer 'SODIUM ION'
4 non-polymer N-[(2S)-1-{[(2S)-1-hydroxy-3-(1,3-oxazol-4-yl)propan-2-yl]amino}-4-methyl-1-oxopentan-2-yl]-4-methoxy-1H-indole-2-carboxamide
5 non-polymer N-[(2S)-1-amino-4-methyl-1-oxopentan-2-yl]-4-methoxy-1H-indole-2-carboxamide
6 water water
#
_entity_poly.entity_id   1
_entity_poly.type   'polypeptide(L)'
_entity_poly.pdbx_seq_one_letter_code
;SGFRKMAFPSGKVEGCMVQVTCGTTTLNGLWLDDVVYCPRHVICTSEDMLNPNYEDLLIRKSNHNFLVQAGNVQLRVIGH
SMQNCVLKLKVDTANPKTPKYKFVRIQPGQTFSVLACYNGSPSGVYQCAMRPNFTIKGSFLNGSCGSVGFNIDYDCVSFC
YMHHMELPTGVHAGTDLEGNFYGPFVDRQTAQAAGTDTTITVNVLAWLYAAVINGDRWFLNRFTTTLNDFNLVAMKYNYE
PLTQDHVDILGPLSAQTGIAVLDMCASLKELLQNGMNGRTILGSALLEDEFTPFDVVRQCSGVTFQ
;
_entity_poly.pdbx_strand_id   A,B
#
# COMPACT_ATOMS: atom_id res chain seq x y z
N SER A 1 9.79 -11.62 -8.31
CA SER A 1 8.93 -11.02 -9.38
C SER A 1 7.70 -10.42 -8.73
N GLY A 2 6.97 -9.65 -9.51
CA GLY A 2 5.80 -8.92 -9.08
C GLY A 2 6.14 -7.47 -8.89
N PHE A 3 5.16 -6.61 -9.16
CA PHE A 3 5.35 -5.18 -9.02
C PHE A 3 4.07 -4.58 -8.47
N ARG A 4 4.17 -4.00 -7.28
CA ARG A 4 3.01 -3.53 -6.54
C ARG A 4 3.22 -2.07 -6.19
N LYS A 5 2.14 -1.33 -6.01
CA LYS A 5 2.25 -0.01 -5.43
C LYS A 5 2.57 -0.21 -3.95
N MET A 6 3.79 0.07 -3.58
CA MET A 6 4.33 -0.33 -2.29
C MET A 6 4.62 0.91 -1.48
N ALA A 7 4.05 0.96 -0.28
CA ALA A 7 4.29 2.06 0.63
C ALA A 7 5.50 1.77 1.52
N PHE A 8 6.07 2.82 2.07
CA PHE A 8 7.12 2.64 3.06
C PHE A 8 6.55 2.02 4.33
N PRO A 9 7.36 1.26 5.06
CA PRO A 9 6.92 0.83 6.39
C PRO A 9 6.60 2.07 7.23
N SER A 10 5.48 2.02 7.95
CA SER A 10 4.92 3.21 8.58
C SER A 10 5.23 3.34 10.06
N GLY A 11 5.94 2.40 10.68
CA GLY A 11 6.12 2.43 12.12
C GLY A 11 6.75 3.71 12.66
N LYS A 12 7.77 4.23 11.98
CA LYS A 12 8.44 5.42 12.49
C LYS A 12 7.47 6.61 12.53
N VAL A 13 6.55 6.68 11.58
CA VAL A 13 5.58 7.77 11.57
C VAL A 13 4.45 7.49 12.54
N GLU A 14 4.04 6.23 12.69
CA GLU A 14 2.99 5.90 13.65
C GLU A 14 3.34 6.41 15.03
N GLY A 15 4.62 6.33 15.40
CA GLY A 15 5.06 6.75 16.72
C GLY A 15 5.01 8.25 16.95
N CYS A 16 4.68 9.02 15.92
CA CYS A 16 4.61 10.47 15.98
C CYS A 16 3.20 11.00 15.90
N MET A 17 2.19 10.16 15.65
CA MET A 17 0.84 10.65 15.50
C MET A 17 0.14 10.87 16.82
N VAL A 18 -0.49 12.05 16.95
CA VAL A 18 -1.27 12.42 18.11
C VAL A 18 -2.59 13.02 17.64
N GLN A 19 -3.52 13.15 18.58
CA GLN A 19 -4.81 13.83 18.37
C GLN A 19 -4.75 15.23 18.93
N VAL A 20 -5.30 16.19 18.18
CA VAL A 20 -5.34 17.60 18.61
C VAL A 20 -6.80 18.06 18.53
N THR A 21 -7.31 18.57 19.65
CA THR A 21 -8.66 19.13 19.70
C THR A 21 -8.60 20.58 20.16
N CYS A 22 -9.33 21.43 19.46
CA CYS A 22 -9.53 22.81 19.87
C CYS A 22 -10.99 23.14 19.60
N GLY A 23 -11.71 23.53 20.63
CA GLY A 23 -13.14 23.74 20.46
C GLY A 23 -13.81 22.42 20.15
N THR A 24 -14.60 22.41 19.06
CA THR A 24 -15.29 21.21 18.61
C THR A 24 -14.54 20.46 17.53
N THR A 25 -13.38 20.97 17.10
CA THR A 25 -12.64 20.39 15.99
C THR A 25 -11.55 19.47 16.51
N THR A 26 -11.53 18.25 16.00
CA THR A 26 -10.48 17.29 16.30
C THR A 26 -9.83 16.88 14.98
N LEU A 27 -8.51 16.85 14.99
CA LEU A 27 -7.77 16.38 13.82
C LEU A 27 -6.46 15.78 14.33
N ASN A 28 -5.55 15.47 13.42
CA ASN A 28 -4.29 14.81 13.76
C ASN A 28 -3.16 15.80 13.84
N GLY A 29 -2.18 15.49 14.70
CA GLY A 29 -0.95 16.23 14.75
C GLY A 29 0.25 15.30 14.67
N LEU A 30 1.40 15.92 14.38
CA LEU A 30 2.68 15.21 14.24
C LEU A 30 3.59 15.69 15.35
N TRP A 31 3.99 14.77 16.24
CA TRP A 31 4.75 15.08 17.46
C TRP A 31 6.20 14.72 17.23
N LEU A 32 7.06 15.74 17.09
CA LEU A 32 8.48 15.57 16.88
C LEU A 32 9.20 16.38 17.96
N ASP A 33 10.04 15.72 18.74
CA ASP A 33 10.67 16.36 19.91
C ASP A 33 9.55 17.00 20.73
N ASP A 34 9.65 18.27 21.13
CA ASP A 34 8.65 18.88 21.97
C ASP A 34 7.68 19.79 21.21
N VAL A 35 7.44 19.51 19.94
CA VAL A 35 6.50 20.29 19.13
C VAL A 35 5.51 19.36 18.47
N VAL A 36 4.25 19.76 18.46
CA VAL A 36 3.20 19.09 17.69
C VAL A 36 2.81 20.03 16.55
N TYR A 37 2.89 19.54 15.32
CA TYR A 37 2.54 20.28 14.11
C TYR A 37 1.17 19.83 13.64
N CYS A 38 0.30 20.77 13.31
CA CYS A 38 -1.03 20.42 12.80
C CYS A 38 -1.57 21.54 11.94
N PRO A 39 -2.68 21.32 11.22
CA PRO A 39 -3.27 22.41 10.43
C PRO A 39 -3.81 23.51 11.33
N ARG A 40 -3.55 24.75 10.94
CA ARG A 40 -3.94 25.88 11.79
C ARG A 40 -5.45 26.06 11.84
N HIS A 41 -6.20 25.54 10.87
CA HIS A 41 -7.64 25.74 10.89
C HIS A 41 -8.32 25.04 12.05
N VAL A 42 -7.60 24.22 12.83
CA VAL A 42 -8.16 23.64 14.04
C VAL A 42 -8.67 24.71 15.00
N ILE A 43 -8.13 25.94 14.91
CA ILE A 43 -8.54 26.99 15.84
C ILE A 43 -9.80 27.71 15.42
N CYS A 44 -10.27 27.48 14.19
N CYS A 44 -10.26 27.52 14.18
CA CYS A 44 -11.41 28.23 13.70
CA CYS A 44 -11.39 28.27 13.64
C CYS A 44 -12.71 27.61 14.17
C CYS A 44 -12.71 27.60 14.01
N THR A 45 -13.77 28.38 14.02
CA THR A 45 -15.13 27.91 14.27
C THR A 45 -15.90 28.07 12.97
N SER A 46 -17.13 27.58 12.95
CA SER A 46 -17.96 27.71 11.76
C SER A 46 -18.27 29.17 11.44
N GLU A 47 -18.22 30.05 12.42
CA GLU A 47 -18.55 31.46 12.18
C GLU A 47 -17.48 32.17 11.37
N ASP A 48 -16.24 31.70 11.40
CA ASP A 48 -15.13 32.36 10.71
C ASP A 48 -14.42 31.46 9.71
N MET A 49 -14.98 30.30 9.37
CA MET A 49 -14.31 29.36 8.49
C MET A 49 -14.24 29.83 7.04
N LEU A 50 -15.00 30.86 6.66
CA LEU A 50 -15.05 31.30 5.27
C LEU A 50 -13.83 32.13 4.90
N ASN A 51 -13.34 32.97 5.83
CA ASN A 51 -12.07 33.67 5.63
C ASN A 51 -11.53 34.10 6.99
N PRO A 52 -10.82 33.21 7.68
CA PRO A 52 -10.39 33.52 9.06
C PRO A 52 -9.21 34.48 9.12
N ASN A 53 -9.23 35.35 10.13
CA ASN A 53 -8.08 36.18 10.47
C ASN A 53 -7.25 35.40 11.48
N TYR A 54 -6.39 34.52 10.97
CA TYR A 54 -5.71 33.56 11.82
C TYR A 54 -4.84 34.26 12.87
N GLU A 55 -4.21 35.38 12.50
CA GLU A 55 -3.36 36.08 13.46
C GLU A 55 -4.16 36.54 14.66
N ASP A 56 -5.33 37.11 14.43
CA ASP A 56 -6.17 37.55 15.53
C ASP A 56 -6.73 36.36 16.30
N LEU A 57 -7.14 35.30 15.59
CA LEU A 57 -7.69 34.13 16.27
C LEU A 57 -6.66 33.50 17.20
N LEU A 58 -5.40 33.43 16.75
CA LEU A 58 -4.37 32.79 17.55
C LEU A 58 -4.10 33.58 18.83
N ILE A 59 -4.11 34.91 18.74
CA ILE A 59 -3.90 35.74 19.92
C ILE A 59 -4.96 35.45 20.99
N ARG A 60 -6.18 35.18 20.55
CA ARG A 60 -7.31 34.96 21.44
C ARG A 60 -7.37 33.55 22.01
N LYS A 61 -6.46 32.68 21.63
CA LYS A 61 -6.45 31.31 22.11
C LYS A 61 -5.49 31.20 23.29
N SER A 62 -5.85 30.35 24.23
CA SER A 62 -5.02 29.98 25.35
C SER A 62 -4.40 28.61 25.08
N ASN A 63 -3.19 28.38 25.63
CA ASN A 63 -2.62 27.03 25.60
C ASN A 63 -3.59 25.99 26.12
N HIS A 64 -4.36 26.36 27.14
CA HIS A 64 -5.35 25.46 27.72
C HIS A 64 -6.40 25.04 26.73
N ASN A 65 -6.58 25.78 25.63
CA ASN A 65 -7.62 25.47 24.68
C ASN A 65 -7.28 24.27 23.79
N PHE A 66 -6.03 23.85 23.78
CA PHE A 66 -5.58 22.75 22.94
C PHE A 66 -5.48 21.49 23.78
N LEU A 67 -6.24 20.48 23.43
CA LEU A 67 -6.17 19.17 24.07
C LEU A 67 -5.41 18.25 23.14
N VAL A 68 -4.22 17.82 23.57
CA VAL A 68 -3.34 16.99 22.76
C VAL A 68 -3.20 15.64 23.45
N GLN A 69 -3.51 14.57 22.74
CA GLN A 69 -3.56 13.24 23.32
C GLN A 69 -2.66 12.32 22.51
N ALA A 70 -1.67 11.74 23.19
CA ALA A 70 -0.80 10.75 22.57
C ALA A 70 -1.18 9.41 23.17
N GLY A 71 -1.99 8.65 22.41
CA GLY A 71 -2.55 7.43 22.97
C GLY A 71 -3.39 7.78 24.18
N ASN A 72 -3.02 7.23 25.33
CA ASN A 72 -3.75 7.38 26.58
C ASN A 72 -3.22 8.51 27.46
N VAL A 73 -2.36 9.36 26.93
CA VAL A 73 -1.70 10.39 27.72
C VAL A 73 -1.98 11.77 27.14
N GLN A 74 -2.41 12.69 28.00
CA GLN A 74 -2.56 14.08 27.62
C GLN A 74 -1.23 14.79 27.72
N LEU A 75 -0.84 15.49 26.66
CA LEU A 75 0.36 16.30 26.64
C LEU A 75 0.01 17.74 26.98
N ARG A 76 0.74 18.32 27.91
CA ARG A 76 0.52 19.70 28.31
C ARG A 76 1.08 20.64 27.24
N VAL A 77 0.23 21.51 26.70
CA VAL A 77 0.66 22.53 25.75
C VAL A 77 1.16 23.74 26.53
N ILE A 78 2.38 24.18 26.23
CA ILE A 78 3.04 25.28 26.91
C ILE A 78 3.33 26.47 26.00
N GLY A 79 2.95 26.41 24.73
CA GLY A 79 3.09 27.54 23.84
C GLY A 79 2.46 27.19 22.51
N HIS A 80 2.14 28.23 21.76
CA HIS A 80 1.56 28.02 20.43
C HIS A 80 1.98 29.14 19.50
N SER A 81 2.34 28.76 18.29
CA SER A 81 2.73 29.72 17.27
C SER A 81 2.28 29.18 15.91
N MET A 82 2.35 30.02 14.90
CA MET A 82 1.89 29.67 13.58
C MET A 82 3.00 29.94 12.59
N GLN A 83 3.18 29.01 11.65
CA GLN A 83 4.08 29.19 10.52
C GLN A 83 3.28 28.90 9.27
N ASN A 84 2.98 29.94 8.49
CA ASN A 84 2.10 29.78 7.32
C ASN A 84 0.82 29.09 7.75
N CYS A 85 0.47 27.95 7.14
CA CYS A 85 -0.79 27.29 7.46
C CYS A 85 -0.66 26.17 8.49
N VAL A 86 0.48 26.09 9.18
CA VAL A 86 0.73 25.08 10.19
C VAL A 86 0.81 25.74 11.57
N LEU A 87 0.13 25.14 12.53
CA LEU A 87 0.22 25.53 13.91
C LEU A 87 1.26 24.64 14.59
N LYS A 88 2.08 25.25 15.43
CA LYS A 88 3.11 24.55 16.19
C LYS A 88 2.77 24.70 17.65
N LEU A 89 2.44 23.58 18.29
CA LEU A 89 2.10 23.54 19.71
C LEU A 89 3.32 23.01 20.45
N LYS A 90 3.94 23.87 21.26
CA LYS A 90 5.05 23.42 22.09
C LYS A 90 4.45 22.66 23.27
N VAL A 91 4.97 21.46 23.55
CA VAL A 91 4.50 20.65 24.66
C VAL A 91 5.66 20.47 25.66
N ASP A 92 5.32 20.06 26.88
CA ASP A 92 6.32 19.95 27.93
C ASP A 92 7.02 18.59 27.96
N THR A 93 6.84 17.77 26.92
CA THR A 93 7.45 16.44 26.86
C THR A 93 7.93 16.20 25.45
N ALA A 94 9.17 15.77 25.31
CA ALA A 94 9.74 15.47 24.00
C ALA A 94 9.40 14.03 23.62
N ASN A 95 8.91 13.83 22.40
CA ASN A 95 8.49 12.50 21.98
C ASN A 95 9.68 11.56 21.99
N PRO A 96 9.69 10.51 22.83
CA PRO A 96 10.85 9.61 22.87
C PRO A 96 10.97 8.77 21.61
N LYS A 97 9.91 8.72 20.81
CA LYS A 97 9.90 7.95 19.57
C LYS A 97 10.25 8.80 18.34
N THR A 98 10.71 10.03 18.54
CA THR A 98 11.06 10.89 17.42
C THR A 98 12.14 10.23 16.56
N PRO A 99 11.87 10.00 15.28
CA PRO A 99 12.91 9.43 14.41
C PRO A 99 13.85 10.53 13.93
N LYS A 100 14.94 10.10 13.31
CA LYS A 100 15.72 11.04 12.52
C LYS A 100 14.80 11.53 11.40
N TYR A 101 14.76 12.85 11.17
CA TYR A 101 13.78 13.38 10.24
C TYR A 101 14.27 14.64 9.56
N LYS A 102 13.59 14.96 8.45
CA LYS A 102 13.75 16.19 7.71
C LYS A 102 12.38 16.62 7.22
N PHE A 103 12.24 17.92 7.00
CA PHE A 103 11.09 18.47 6.29
C PHE A 103 11.57 18.84 4.90
N VAL A 104 10.88 18.32 3.87
CA VAL A 104 11.23 18.59 2.49
C VAL A 104 9.98 19.02 1.72
N ARG A 105 10.19 19.85 0.70
CA ARG A 105 9.12 20.22 -0.22
C ARG A 105 9.35 19.45 -1.51
N ILE A 106 8.42 18.58 -1.85
CA ILE A 106 8.64 17.70 -3.00
C ILE A 106 8.20 18.39 -4.28
N GLN A 107 8.69 17.89 -5.38
CA GLN A 107 8.41 18.37 -6.70
C GLN A 107 7.25 17.61 -7.31
N PRO A 108 6.49 18.24 -8.20
CA PRO A 108 5.45 17.49 -8.91
C PRO A 108 6.09 16.33 -9.66
N GLY A 109 5.40 15.19 -9.66
CA GLY A 109 5.88 13.97 -10.25
C GLY A 109 6.54 13.01 -9.29
N GLN A 110 6.93 13.50 -8.11
N GLN A 110 6.94 13.51 -8.11
CA GLN A 110 7.52 12.63 -7.11
CA GLN A 110 7.53 12.70 -7.06
C GLN A 110 6.43 11.99 -6.26
C GLN A 110 6.44 12.02 -6.24
N THR A 111 6.81 10.92 -5.56
CA THR A 111 5.87 10.10 -4.83
C THR A 111 6.20 10.09 -3.34
N PHE A 112 5.23 9.64 -2.55
CA PHE A 112 5.40 9.53 -1.11
C PHE A 112 4.32 8.63 -0.57
N SER A 113 4.53 8.14 0.67
CA SER A 113 3.54 7.34 1.37
C SER A 113 2.71 8.25 2.26
N VAL A 114 1.40 7.98 2.31
CA VAL A 114 0.47 8.68 3.20
C VAL A 114 0.07 7.71 4.29
N LEU A 115 0.18 8.14 5.55
CA LEU A 115 -0.41 7.41 6.67
C LEU A 115 -1.73 8.10 7.03
N ALA A 116 -2.84 7.59 6.51
CA ALA A 116 -4.14 8.21 6.80
C ALA A 116 -4.55 7.91 8.23
N CYS A 117 -4.91 8.96 8.98
CA CYS A 117 -5.24 8.87 10.39
C CYS A 117 -6.53 9.62 10.72
N TYR A 118 -7.21 9.13 11.77
CA TYR A 118 -8.36 9.79 12.37
C TYR A 118 -8.18 9.76 13.88
N ASN A 119 -8.45 10.88 14.54
CA ASN A 119 -8.37 10.95 16.00
C ASN A 119 -7.01 10.50 16.51
N GLY A 120 -5.96 10.81 15.74
CA GLY A 120 -4.60 10.51 16.13
C GLY A 120 -4.17 9.07 15.93
N SER A 121 -5.01 8.23 15.32
CA SER A 121 -4.75 6.81 15.13
C SER A 121 -4.75 6.45 13.65
N PRO A 122 -3.91 5.51 13.25
CA PRO A 122 -3.79 5.19 11.82
C PRO A 122 -4.91 4.29 11.30
N SER A 123 -5.38 4.62 10.09
CA SER A 123 -6.33 3.80 9.36
C SER A 123 -5.66 2.99 8.27
N GLY A 124 -4.63 3.51 7.62
CA GLY A 124 -3.98 2.76 6.56
C GLY A 124 -2.87 3.57 5.91
N VAL A 125 -2.15 2.90 5.02
CA VAL A 125 -0.98 3.46 4.36
C VAL A 125 -1.06 3.16 2.86
N TYR A 126 -0.72 4.16 2.04
CA TYR A 126 -0.73 4.01 0.59
C TYR A 126 0.18 5.04 -0.05
N GLN A 127 0.61 4.73 -1.27
CA GLN A 127 1.45 5.62 -2.05
C GLN A 127 0.65 6.62 -2.88
N CYS A 128 1.16 7.86 -2.98
N CYS A 128 1.20 7.81 -3.03
CA CYS A 128 0.56 8.94 -3.76
CA CYS A 128 0.58 8.81 -3.87
C CYS A 128 1.67 9.60 -4.58
C CYS A 128 1.67 9.56 -4.61
N ALA A 129 1.32 10.12 -5.76
CA ALA A 129 2.20 11.04 -6.48
C ALA A 129 1.67 12.46 -6.29
N MET A 130 2.59 13.42 -6.18
CA MET A 130 2.21 14.82 -6.33
C MET A 130 1.92 15.08 -7.80
N ARG A 131 0.66 15.38 -8.12
CA ARG A 131 0.28 15.58 -9.52
C ARG A 131 0.92 16.86 -10.06
N PRO A 132 1.10 16.95 -11.38
CA PRO A 132 1.53 18.23 -11.99
C PRO A 132 0.68 19.42 -11.58
N ASN A 133 -0.60 19.23 -11.27
CA ASN A 133 -1.48 20.33 -10.85
C ASN A 133 -1.51 20.50 -9.32
N PHE A 134 -0.57 19.88 -8.62
CA PHE A 134 -0.36 20.08 -7.18
C PHE A 134 -1.50 19.57 -6.32
N THR A 135 -2.22 18.56 -6.79
CA THR A 135 -3.15 17.80 -5.97
C THR A 135 -2.61 16.40 -5.81
N ILE A 136 -3.22 15.62 -4.91
CA ILE A 136 -2.94 14.19 -4.81
C ILE A 136 -4.26 13.44 -4.88
N LYS A 137 -4.22 12.22 -5.39
CA LYS A 137 -5.40 11.36 -5.50
C LYS A 137 -5.32 10.36 -4.35
N GLY A 138 -5.85 10.77 -3.22
CA GLY A 138 -5.76 10.00 -2.00
C GLY A 138 -7.08 9.36 -1.62
N SER A 139 -7.18 8.98 -0.35
CA SER A 139 -8.39 8.44 0.23
C SER A 139 -8.46 9.07 1.62
N PHE A 140 -9.32 10.08 1.75
CA PHE A 140 -9.35 10.90 2.95
C PHE A 140 -10.79 11.29 3.23
N LEU A 141 -11.19 11.19 4.50
CA LEU A 141 -12.51 11.60 4.97
C LEU A 141 -12.37 12.80 5.90
N ASN A 142 -13.48 13.46 6.20
CA ASN A 142 -13.42 14.46 7.26
C ASN A 142 -12.82 13.88 8.52
N GLY A 143 -11.92 14.65 9.15
CA GLY A 143 -11.17 14.17 10.28
C GLY A 143 -9.75 13.75 9.97
N SER A 144 -9.41 13.57 8.69
CA SER A 144 -8.08 13.12 8.29
C SER A 144 -7.06 14.23 8.25
N CYS A 145 -7.48 15.48 8.44
CA CYS A 145 -6.54 16.59 8.37
C CYS A 145 -5.41 16.35 9.37
N GLY A 146 -4.20 16.74 8.96
CA GLY A 146 -3.02 16.50 9.76
C GLY A 146 -2.34 15.19 9.51
N SER A 147 -2.96 14.27 8.77
CA SER A 147 -2.27 13.10 8.28
C SER A 147 -1.11 13.57 7.40
N VAL A 148 0.01 12.84 7.43
CA VAL A 148 1.20 13.25 6.72
C VAL A 148 1.61 12.28 5.62
N GLY A 149 2.35 12.83 4.68
CA GLY A 149 3.05 12.06 3.66
C GLY A 149 4.55 12.16 3.85
N PHE A 150 5.24 11.09 3.45
CA PHE A 150 6.66 10.97 3.77
C PHE A 150 7.35 9.99 2.84
N ASN A 151 8.67 10.11 2.81
CA ASN A 151 9.59 9.12 2.26
C ASN A 151 10.54 8.73 3.37
N ILE A 152 11.13 7.53 3.23
CA ILE A 152 12.20 7.10 4.12
C ILE A 152 13.44 6.83 3.29
N ASP A 153 14.59 7.21 3.82
N ASP A 153 14.59 7.26 3.78
CA ASP A 153 15.88 6.94 3.18
CA ASP A 153 15.88 6.94 3.18
C ASP A 153 16.77 6.44 4.31
C ASP A 153 16.75 6.44 4.32
N TYR A 154 17.06 5.14 4.30
CA TYR A 154 17.82 4.49 5.37
C TYR A 154 17.04 4.61 6.68
N ASP A 155 17.48 5.47 7.60
CA ASP A 155 16.81 5.64 8.88
C ASP A 155 16.12 7.00 9.02
N CYS A 156 16.07 7.79 7.95
CA CYS A 156 15.63 9.18 8.02
C CYS A 156 14.28 9.33 7.36
N VAL A 157 13.31 9.84 8.10
CA VAL A 157 11.98 10.13 7.57
C VAL A 157 11.96 11.56 7.04
N SER A 158 11.71 11.72 5.74
CA SER A 158 11.53 13.04 5.12
C SER A 158 10.04 13.29 4.97
N PHE A 159 9.50 14.16 5.83
CA PHE A 159 8.08 14.52 5.76
C PHE A 159 7.90 15.58 4.68
N CYS A 160 6.90 15.37 3.81
CA CYS A 160 6.69 16.27 2.69
C CYS A 160 5.27 16.79 2.54
N TYR A 161 4.30 16.23 3.23
CA TYR A 161 2.90 16.61 3.01
C TYR A 161 2.14 16.53 4.31
N MET A 162 1.23 17.48 4.52
N MET A 162 1.24 17.48 4.52
CA MET A 162 0.25 17.45 5.61
CA MET A 162 0.26 17.43 5.59
C MET A 162 -1.10 17.76 4.99
C MET A 162 -1.10 17.75 4.97
N HIS A 163 -2.09 16.93 5.28
CA HIS A 163 -3.38 17.02 4.63
C HIS A 163 -4.27 18.12 5.19
N HIS A 164 -4.89 18.92 4.30
CA HIS A 164 -5.81 19.96 4.73
C HIS A 164 -7.20 19.93 4.07
N MET A 165 -7.32 19.43 2.83
N MET A 165 -7.31 19.47 2.82
CA MET A 165 -8.52 19.77 2.08
CA MET A 165 -8.51 19.78 2.08
C MET A 165 -8.86 18.73 1.03
C MET A 165 -8.87 18.70 1.07
N GLU A 166 -10.16 18.63 0.74
CA GLU A 166 -10.65 17.87 -0.41
C GLU A 166 -11.36 18.82 -1.36
N LEU A 167 -11.02 18.76 -2.63
CA LEU A 167 -11.66 19.58 -3.64
C LEU A 167 -12.98 18.94 -4.09
N PRO A 168 -13.86 19.72 -4.71
CA PRO A 168 -15.12 19.18 -5.23
C PRO A 168 -14.96 17.98 -6.15
N THR A 169 -13.85 17.89 -6.89
CA THR A 169 -13.61 16.77 -7.79
C THR A 169 -13.18 15.52 -7.06
N GLY A 170 -12.96 15.58 -5.74
CA GLY A 170 -12.60 14.41 -4.97
C GLY A 170 -11.12 14.14 -4.85
N VAL A 171 -10.27 15.06 -5.32
CA VAL A 171 -8.83 15.00 -5.12
C VAL A 171 -8.50 15.84 -3.89
N HIS A 172 -7.24 15.85 -3.50
CA HIS A 172 -6.84 16.29 -2.18
C HIS A 172 -5.71 17.30 -2.27
N ALA A 173 -5.68 18.20 -1.28
CA ALA A 173 -4.72 19.28 -1.24
C ALA A 173 -4.18 19.49 0.16
N GLY A 174 -2.94 19.94 0.24
CA GLY A 174 -2.32 20.20 1.52
C GLY A 174 -1.03 20.98 1.39
N THR A 175 -0.25 20.94 2.46
CA THR A 175 0.93 21.80 2.60
C THR A 175 2.16 20.94 2.80
N ASP A 176 3.33 21.57 2.73
CA ASP A 176 4.54 20.98 3.29
C ASP A 176 4.51 21.19 4.80
N LEU A 177 5.55 20.73 5.49
CA LEU A 177 5.58 20.81 6.94
C LEU A 177 6.03 22.19 7.43
N GLU A 178 6.35 23.11 6.52
CA GLU A 178 6.47 24.52 6.84
C GLU A 178 5.17 25.27 6.62
N GLY A 179 4.09 24.56 6.27
CA GLY A 179 2.79 25.17 6.15
C GLY A 179 2.48 25.86 4.85
N ASN A 180 3.30 25.69 3.81
CA ASN A 180 3.04 26.29 2.52
C ASN A 180 2.30 25.29 1.63
N PHE A 181 1.14 25.69 1.13
CA PHE A 181 0.37 24.81 0.27
C PHE A 181 1.16 24.44 -0.98
N TYR A 182 0.95 23.22 -1.42
CA TYR A 182 1.23 22.86 -2.79
C TYR A 182 0.07 23.36 -3.64
N GLY A 183 0.37 24.11 -4.69
CA GLY A 183 -0.66 24.62 -5.55
C GLY A 183 -1.34 25.87 -5.04
N PRO A 184 -2.35 26.31 -5.78
CA PRO A 184 -3.02 27.59 -5.51
C PRO A 184 -4.24 27.45 -4.61
N PHE A 185 -4.07 26.76 -3.49
CA PHE A 185 -5.17 26.50 -2.58
C PHE A 185 -4.96 27.27 -1.28
N VAL A 186 -6.07 27.47 -0.58
CA VAL A 186 -6.11 28.18 0.70
C VAL A 186 -6.91 27.36 1.69
N ASP A 187 -6.56 27.50 2.99
CA ASP A 187 -7.22 26.74 4.05
C ASP A 187 -8.47 27.49 4.53
N ARG A 188 -9.51 27.41 3.70
CA ARG A 188 -10.80 28.02 3.95
C ARG A 188 -11.88 27.04 3.52
N GLN A 189 -13.09 27.19 4.09
CA GLN A 189 -14.22 26.31 3.77
C GLN A 189 -14.90 26.79 2.48
N THR A 190 -14.20 26.57 1.37
CA THR A 190 -14.68 26.98 0.06
C THR A 190 -14.36 25.89 -0.96
N ALA A 191 -15.16 25.85 -2.02
CA ALA A 191 -14.92 24.99 -3.17
C ALA A 191 -13.84 25.63 -4.03
N GLN A 192 -12.76 24.88 -4.27
CA GLN A 192 -11.62 25.39 -5.01
C GLN A 192 -11.29 24.45 -6.16
N ALA A 193 -10.78 25.03 -7.23
CA ALA A 193 -10.50 24.29 -8.46
C ALA A 193 -8.99 24.21 -8.68
N ALA A 194 -8.54 23.04 -9.12
CA ALA A 194 -7.17 22.86 -9.54
C ALA A 194 -7.03 23.20 -11.02
N GLY A 195 -5.81 23.50 -11.43
CA GLY A 195 -5.52 23.65 -12.84
C GLY A 195 -5.59 22.30 -13.54
N THR A 196 -5.52 22.36 -14.87
CA THR A 196 -5.57 21.13 -15.64
C THR A 196 -4.36 20.27 -15.32
N ASP A 197 -4.59 18.96 -15.19
CA ASP A 197 -3.53 18.03 -14.89
C ASP A 197 -2.95 17.46 -16.17
N THR A 198 -1.80 16.79 -16.03
N THR A 198 -1.81 16.76 -16.03
CA THR A 198 -1.13 16.13 -17.16
CA THR A 198 -1.13 16.15 -17.16
C THR A 198 -0.55 14.82 -16.66
C THR A 198 -0.49 14.86 -16.68
N THR A 199 -0.19 13.98 -17.63
CA THR A 199 0.40 12.68 -17.33
C THR A 199 1.91 12.80 -17.22
N ILE A 200 2.47 12.13 -16.22
CA ILE A 200 3.90 12.23 -15.88
C ILE A 200 4.66 11.23 -16.74
N THR A 201 5.14 11.71 -17.90
CA THR A 201 5.70 10.83 -18.94
C THR A 201 6.88 10.00 -18.43
N VAL A 202 7.82 10.64 -17.70
CA VAL A 202 8.98 9.90 -17.22
C VAL A 202 8.57 8.74 -16.33
N ASN A 203 7.49 8.90 -15.56
CA ASN A 203 7.03 7.84 -14.68
C ASN A 203 6.39 6.71 -15.49
N VAL A 204 5.64 7.04 -16.53
CA VAL A 204 5.08 5.99 -17.39
C VAL A 204 6.22 5.15 -17.96
N LEU A 205 7.26 5.81 -18.45
CA LEU A 205 8.41 5.08 -18.99
C LEU A 205 9.06 4.21 -17.91
N ALA A 206 9.21 4.75 -16.68
CA ALA A 206 9.77 3.97 -15.59
C ALA A 206 8.96 2.69 -15.36
N TRP A 207 7.63 2.80 -15.37
CA TRP A 207 6.76 1.66 -15.15
C TRP A 207 6.82 0.66 -16.31
N LEU A 208 7.01 1.13 -17.55
CA LEU A 208 7.22 0.20 -18.66
C LEU A 208 8.53 -0.56 -18.46
N TYR A 209 9.58 0.10 -17.95
CA TYR A 209 10.80 -0.61 -17.58
C TYR A 209 10.55 -1.63 -16.46
N ALA A 210 9.78 -1.25 -15.44
CA ALA A 210 9.41 -2.19 -14.41
C ALA A 210 8.71 -3.40 -14.99
N ALA A 211 7.83 -3.18 -15.97
CA ALA A 211 7.13 -4.30 -16.59
C ALA A 211 8.13 -5.23 -17.27
N VAL A 212 9.09 -4.67 -17.99
CA VAL A 212 10.11 -5.49 -18.66
C VAL A 212 10.91 -6.29 -17.64
N ILE A 213 11.30 -5.64 -16.54
CA ILE A 213 12.07 -6.34 -15.53
C ILE A 213 11.30 -7.52 -14.99
N ASN A 214 9.97 -7.39 -14.92
CA ASN A 214 9.10 -8.43 -14.42
C ASN A 214 8.52 -9.34 -15.50
N GLY A 215 9.09 -9.31 -16.70
CA GLY A 215 8.79 -10.26 -17.74
C GLY A 215 7.60 -9.94 -18.61
N ASP A 216 6.97 -8.79 -18.42
CA ASP A 216 5.80 -8.39 -19.20
C ASP A 216 6.36 -7.57 -20.36
N ARG A 217 6.53 -8.22 -21.52
CA ARG A 217 7.29 -7.67 -22.64
C ARG A 217 6.50 -7.50 -23.92
N TRP A 218 5.21 -7.86 -23.94
CA TRP A 218 4.48 -7.95 -25.19
C TRP A 218 4.45 -6.63 -25.95
N PHE A 219 4.52 -5.49 -25.25
CA PHE A 219 4.33 -4.18 -25.86
C PHE A 219 5.60 -3.63 -26.49
N LEU A 220 6.73 -4.30 -26.29
CA LEU A 220 7.97 -3.87 -26.92
C LEU A 220 7.89 -4.03 -28.42
N ASN A 221 8.41 -3.05 -29.14
CA ASN A 221 8.54 -3.15 -30.58
C ASN A 221 9.98 -2.87 -30.97
N ARG A 222 10.29 -3.15 -32.24
CA ARG A 222 11.64 -3.03 -32.76
C ARG A 222 12.01 -1.63 -33.21
N PHE A 223 11.15 -0.67 -33.02
CA PHE A 223 11.33 0.66 -33.60
C PHE A 223 11.94 1.62 -32.57
N THR A 224 12.55 2.68 -33.10
CA THR A 224 13.02 3.78 -32.28
C THR A 224 12.40 5.06 -32.79
N THR A 225 12.41 6.08 -31.96
CA THR A 225 11.91 7.39 -32.34
C THR A 225 12.91 8.44 -31.90
N THR A 226 12.83 9.61 -32.52
CA THR A 226 13.56 10.75 -32.00
C THR A 226 12.79 11.34 -30.81
N LEU A 227 13.49 12.10 -29.99
CA LEU A 227 12.86 12.79 -28.87
C LEU A 227 11.80 13.77 -29.37
N ASN A 228 12.12 14.53 -30.42
CA ASN A 228 11.14 15.48 -30.95
C ASN A 228 9.91 14.77 -31.48
N ASP A 229 10.09 13.67 -32.23
CA ASP A 229 8.93 12.97 -32.77
C ASP A 229 8.10 12.35 -31.65
N PHE A 230 8.76 11.85 -30.60
CA PHE A 230 8.02 11.33 -29.44
C PHE A 230 7.17 12.43 -28.81
N ASN A 231 7.76 13.59 -28.58
CA ASN A 231 7.03 14.66 -27.91
C ASN A 231 5.87 15.17 -28.75
N LEU A 232 5.99 15.18 -30.07
CA LEU A 232 4.86 15.59 -30.89
C LEU A 232 3.65 14.71 -30.62
N VAL A 233 3.87 13.40 -30.48
CA VAL A 233 2.76 12.48 -30.24
C VAL A 233 2.26 12.63 -28.80
N ALA A 234 3.17 12.54 -27.84
CA ALA A 234 2.73 12.46 -26.46
C ALA A 234 1.99 13.71 -26.04
N MET A 235 2.38 14.88 -26.55
CA MET A 235 1.70 16.10 -26.14
C MET A 235 0.26 16.09 -26.60
N LYS A 236 -0.03 15.44 -27.74
N LYS A 236 -0.04 15.45 -27.75
CA LYS A 236 -1.41 15.31 -28.19
CA LYS A 236 -1.44 15.35 -28.15
C LYS A 236 -2.25 14.55 -27.17
C LYS A 236 -2.25 14.59 -27.11
N TYR A 237 -1.62 13.67 -26.39
CA TYR A 237 -2.28 12.85 -25.39
C TYR A 237 -2.18 13.43 -23.99
N ASN A 238 -1.80 14.70 -23.88
CA ASN A 238 -1.72 15.40 -22.60
C ASN A 238 -0.66 14.80 -21.69
N TYR A 239 0.43 14.33 -22.27
CA TYR A 239 1.62 13.92 -21.55
C TYR A 239 2.58 15.11 -21.48
N GLU A 240 3.28 15.20 -20.35
CA GLU A 240 4.31 16.21 -20.20
C GLU A 240 5.40 15.97 -21.24
N PRO A 241 6.03 17.04 -21.76
CA PRO A 241 7.17 16.83 -22.65
C PRO A 241 8.27 16.06 -21.93
N LEU A 242 8.89 15.15 -22.65
CA LEU A 242 10.05 14.41 -22.14
C LEU A 242 11.29 15.26 -22.43
N THR A 243 12.07 15.54 -21.39
CA THR A 243 13.28 16.33 -21.52
C THR A 243 14.50 15.43 -21.52
N GLN A 244 15.66 15.99 -21.87
CA GLN A 244 16.93 15.22 -21.81
C GLN A 244 17.24 14.87 -20.35
N ASP A 245 16.84 15.70 -19.39
CA ASP A 245 17.05 15.35 -17.97
C ASP A 245 16.26 14.09 -17.64
N HIS A 246 15.03 13.99 -18.14
CA HIS A 246 14.21 12.78 -17.92
C HIS A 246 14.90 11.57 -18.55
N VAL A 247 15.43 11.75 -19.77
CA VAL A 247 16.12 10.65 -20.42
C VAL A 247 17.30 10.21 -19.56
N ASP A 248 18.04 11.18 -19.02
CA ASP A 248 19.18 10.87 -18.16
C ASP A 248 18.74 10.13 -16.91
N ILE A 249 17.64 10.56 -16.29
CA ILE A 249 17.18 9.91 -15.07
C ILE A 249 16.83 8.45 -15.31
N LEU A 250 16.35 8.11 -16.51
CA LEU A 250 16.02 6.74 -16.87
C LEU A 250 17.25 5.92 -17.27
N GLY A 251 18.44 6.50 -17.23
CA GLY A 251 19.64 5.83 -17.68
C GLY A 251 19.89 4.49 -16.99
N PRO A 252 19.83 4.48 -15.66
CA PRO A 252 20.05 3.20 -14.95
C PRO A 252 19.07 2.10 -15.37
N LEU A 253 17.78 2.40 -15.51
CA LEU A 253 16.82 1.38 -15.91
C LEU A 253 17.06 0.95 -17.36
N SER A 254 17.44 1.90 -18.21
CA SER A 254 17.80 1.57 -19.59
C SER A 254 19.01 0.65 -19.64
N ALA A 255 20.01 0.90 -18.80
CA ALA A 255 21.19 0.04 -18.78
C ALA A 255 20.86 -1.34 -18.23
N GLN A 256 19.99 -1.41 -17.22
CA GLN A 256 19.63 -2.71 -16.65
C GLN A 256 18.93 -3.59 -17.66
N THR A 257 18.03 -3.02 -18.44
CA THR A 257 17.22 -3.83 -19.36
C THR A 257 17.83 -3.94 -20.74
N GLY A 258 18.83 -3.12 -21.05
CA GLY A 258 19.37 -3.08 -22.39
C GLY A 258 18.50 -2.42 -23.43
N ILE A 259 17.49 -1.64 -23.01
CA ILE A 259 16.56 -1.01 -23.93
C ILE A 259 16.76 0.50 -23.82
N ALA A 260 17.26 1.12 -24.91
CA ALA A 260 17.48 2.56 -24.90
C ALA A 260 16.17 3.31 -24.67
N VAL A 261 16.27 4.48 -24.04
CA VAL A 261 15.06 5.24 -23.74
C VAL A 261 14.28 5.56 -25.02
N LEU A 262 14.97 5.94 -26.10
CA LEU A 262 14.26 6.30 -27.33
C LEU A 262 13.71 5.08 -28.07
N ASP A 263 14.16 3.88 -27.72
CA ASP A 263 13.53 2.62 -28.15
C ASP A 263 12.24 2.41 -27.34
N MET A 264 12.31 2.53 -26.02
CA MET A 264 11.10 2.45 -25.21
C MET A 264 10.08 3.50 -25.59
N CYS A 265 10.54 4.71 -25.94
CA CYS A 265 9.60 5.76 -26.33
C CYS A 265 8.78 5.35 -27.54
N ALA A 266 9.36 4.57 -28.46
CA ALA A 266 8.58 4.10 -29.61
C ALA A 266 7.52 3.08 -29.19
N SER A 267 7.80 2.28 -28.17
CA SER A 267 6.77 1.40 -27.62
C SER A 267 5.66 2.21 -26.96
N LEU A 268 6.01 3.26 -26.20
CA LEU A 268 4.97 4.08 -25.59
C LEU A 268 4.14 4.80 -26.65
N LYS A 269 4.78 5.31 -27.71
N LYS A 269 4.79 5.33 -27.69
CA LYS A 269 4.03 5.97 -28.78
CA LYS A 269 4.04 5.95 -28.79
C LYS A 269 2.97 5.04 -29.37
C LYS A 269 2.95 5.02 -29.30
N GLU A 270 3.34 3.78 -29.62
CA GLU A 270 2.38 2.81 -30.16
C GLU A 270 1.25 2.53 -29.17
N LEU A 271 1.57 2.41 -27.88
CA LEU A 271 0.52 2.20 -26.88
C LEU A 271 -0.45 3.38 -26.88
N LEU A 272 0.07 4.60 -27.00
CA LEU A 272 -0.82 5.76 -27.01
C LEU A 272 -1.69 5.79 -28.25
N GLN A 273 -1.12 5.47 -29.42
CA GLN A 273 -1.87 5.60 -30.66
C GLN A 273 -2.80 4.42 -30.89
N ASN A 274 -2.45 3.23 -30.44
CA ASN A 274 -3.20 2.03 -30.79
C ASN A 274 -3.94 1.39 -29.61
N GLY A 275 -3.64 1.80 -28.38
CA GLY A 275 -4.19 1.15 -27.20
C GLY A 275 -3.50 -0.16 -26.88
N MET A 276 -4.13 -0.93 -25.99
N MET A 276 -4.13 -0.94 -26.00
CA MET A 276 -3.58 -2.20 -25.54
CA MET A 276 -3.56 -2.20 -25.55
C MET A 276 -4.21 -3.43 -26.18
C MET A 276 -4.22 -3.43 -26.18
N ASN A 277 -5.22 -3.25 -27.04
CA ASN A 277 -5.90 -4.38 -27.70
C ASN A 277 -6.26 -5.50 -26.73
N GLY A 278 -6.87 -5.12 -25.61
CA GLY A 278 -7.38 -6.09 -24.65
C GLY A 278 -6.35 -6.66 -23.69
N ARG A 279 -5.10 -6.25 -23.78
CA ARG A 279 -4.04 -6.78 -22.93
C ARG A 279 -3.79 -5.85 -21.75
N THR A 280 -3.05 -6.35 -20.78
CA THR A 280 -2.69 -5.59 -19.60
C THR A 280 -1.18 -5.52 -19.48
N ILE A 281 -0.71 -4.53 -18.71
CA ILE A 281 0.69 -4.39 -18.36
C ILE A 281 0.78 -4.32 -16.85
N LEU A 282 1.52 -5.23 -16.25
CA LEU A 282 1.60 -5.32 -14.79
C LEU A 282 0.21 -5.27 -14.16
N GLY A 283 -0.73 -5.98 -14.80
CA GLY A 283 -2.07 -6.10 -14.29
C GLY A 283 -2.98 -4.92 -14.52
N SER A 284 -2.55 -3.90 -15.24
CA SER A 284 -3.33 -2.69 -15.46
C SER A 284 -3.72 -2.56 -16.92
N ALA A 285 -4.92 -2.06 -17.16
CA ALA A 285 -5.40 -1.75 -18.50
C ALA A 285 -5.21 -0.29 -18.87
N LEU A 286 -4.57 0.49 -18.00
CA LEU A 286 -4.22 1.88 -18.23
C LEU A 286 -2.73 2.04 -18.02
N LEU A 287 -2.17 3.09 -18.61
CA LEU A 287 -0.76 3.40 -18.45
C LEU A 287 -0.58 4.12 -17.11
N GLU A 288 0.27 3.57 -16.26
N GLU A 288 0.25 3.57 -16.24
CA GLU A 288 0.43 4.05 -14.89
CA GLU A 288 0.38 4.06 -14.87
C GLU A 288 1.53 5.09 -14.80
C GLU A 288 1.52 5.07 -14.77
N ASP A 289 1.25 6.21 -14.12
CA ASP A 289 2.23 7.29 -14.01
C ASP A 289 2.60 7.68 -12.59
N GLU A 290 2.32 6.83 -11.59
CA GLU A 290 2.63 7.18 -10.21
C GLU A 290 3.77 6.35 -9.62
N PHE A 291 4.66 5.82 -10.46
CA PHE A 291 5.92 5.24 -10.02
C PHE A 291 7.07 6.05 -10.64
N THR A 292 7.96 6.56 -9.79
CA THR A 292 9.16 7.23 -10.28
C THR A 292 10.21 6.19 -10.68
N PRO A 293 11.22 6.60 -11.44
CA PRO A 293 12.35 5.69 -11.72
C PRO A 293 12.98 5.14 -10.45
N PHE A 294 13.13 5.99 -9.42
CA PHE A 294 13.67 5.50 -8.16
C PHE A 294 12.74 4.50 -7.50
N ASP A 295 11.42 4.71 -7.57
CA ASP A 295 10.49 3.74 -7.01
C ASP A 295 10.69 2.37 -7.65
N VAL A 296 10.94 2.33 -8.96
CA VAL A 296 11.13 1.05 -9.63
C VAL A 296 12.40 0.37 -9.14
N VAL A 297 13.50 1.13 -9.09
CA VAL A 297 14.77 0.58 -8.64
C VAL A 297 14.67 0.08 -7.20
N ARG A 298 14.07 0.87 -6.31
CA ARG A 298 13.91 0.45 -4.92
C ARG A 298 13.22 -0.90 -4.81
N GLN A 299 12.08 -1.02 -5.49
CA GLN A 299 11.27 -2.22 -5.34
C GLN A 299 11.94 -3.41 -5.99
N CYS A 300 12.51 -3.24 -7.17
CA CYS A 300 13.08 -4.37 -7.90
C CYS A 300 14.43 -4.81 -7.33
N SER A 301 15.08 -3.99 -6.52
CA SER A 301 16.35 -4.35 -5.90
C SER A 301 16.23 -4.65 -4.41
N GLY A 302 15.04 -4.57 -3.83
CA GLY A 302 14.87 -4.96 -2.45
C GLY A 302 15.50 -4.03 -1.43
N VAL A 303 15.50 -2.73 -1.69
CA VAL A 303 16.03 -1.78 -0.73
C VAL A 303 15.24 -1.87 0.56
N THR A 304 15.92 -1.82 1.70
CA THR A 304 15.29 -1.88 3.01
C THR A 304 15.63 -0.63 3.82
N PHE A 305 14.97 -0.52 4.97
CA PHE A 305 15.07 0.66 5.83
C PHE A 305 15.34 0.28 7.28
N SER B 1 -13.44 11.24 0.46
CA SER B 1 -13.56 10.66 -0.88
C SER B 1 -12.23 10.12 -1.34
N GLY B 2 -12.29 9.46 -2.47
CA GLY B 2 -11.19 8.66 -2.98
C GLY B 2 -11.32 7.23 -2.49
N PHE B 3 -10.72 6.33 -3.25
CA PHE B 3 -10.71 4.92 -2.86
C PHE B 3 -9.39 4.34 -3.34
N ARG B 4 -8.58 3.85 -2.40
CA ARG B 4 -7.24 3.40 -2.70
C ARG B 4 -7.04 1.99 -2.17
N LYS B 5 -6.13 1.25 -2.80
CA LYS B 5 -5.69 -0.02 -2.24
C LYS B 5 -4.81 0.30 -1.04
N MET B 6 -5.35 0.16 0.14
CA MET B 6 -4.72 0.62 1.36
C MET B 6 -4.21 -0.58 2.14
N ALA B 7 -2.98 -0.49 2.61
CA ALA B 7 -2.42 -1.46 3.52
C ALA B 7 -2.66 -1.07 4.96
N PHE B 8 -2.53 -2.05 5.84
CA PHE B 8 -2.58 -1.76 7.26
C PHE B 8 -1.29 -1.04 7.67
N PRO B 9 -1.36 -0.20 8.70
CA PRO B 9 -0.12 0.32 9.29
C PRO B 9 0.76 -0.86 9.74
N SER B 10 2.06 -0.75 9.48
CA SER B 10 2.95 -1.89 9.63
C SER B 10 3.79 -1.90 10.91
N GLY B 11 3.72 -0.84 11.73
CA GLY B 11 4.62 -0.75 12.87
C GLY B 11 4.59 -1.95 13.80
N LYS B 12 3.41 -2.46 14.11
CA LYS B 12 3.31 -3.60 15.04
C LYS B 12 4.05 -4.83 14.50
N VAL B 13 4.06 -5.01 13.19
CA VAL B 13 4.76 -6.15 12.60
C VAL B 13 6.24 -5.85 12.40
N GLU B 14 6.59 -4.61 12.12
CA GLU B 14 8.00 -4.24 12.00
C GLU B 14 8.80 -4.65 13.24
N GLY B 15 8.22 -4.46 14.42
CA GLY B 15 8.88 -4.77 15.68
C GLY B 15 9.08 -6.26 15.93
N CYS B 16 8.55 -7.11 15.05
CA CYS B 16 8.68 -8.55 15.19
C CYS B 16 9.62 -9.19 14.18
N MET B 17 10.21 -8.41 13.27
CA MET B 17 10.99 -9.01 12.19
C MET B 17 12.44 -9.19 12.67
N VAL B 18 13.00 -10.36 12.41
CA VAL B 18 14.39 -10.67 12.71
C VAL B 18 14.97 -11.39 11.49
N GLN B 19 16.27 -11.62 11.53
CA GLN B 19 17.02 -12.37 10.54
C GLN B 19 17.42 -13.71 11.12
N VAL B 20 17.30 -14.77 10.31
CA VAL B 20 17.69 -16.11 10.72
C VAL B 20 18.67 -16.65 9.69
N THR B 21 19.84 -17.10 10.15
CA THR B 21 20.85 -17.66 9.28
C THR B 21 21.21 -19.07 9.73
N CYS B 22 21.27 -20.00 8.78
N CYS B 22 21.27 -19.99 8.77
CA CYS B 22 21.77 -21.34 9.04
CA CYS B 22 21.76 -21.35 8.99
C CYS B 22 22.65 -21.68 7.85
C CYS B 22 22.66 -21.69 7.82
N GLY B 23 23.94 -21.90 8.11
CA GLY B 23 24.87 -22.14 7.01
C GLY B 23 25.00 -20.89 6.15
N THR B 24 24.77 -21.04 4.85
CA THR B 24 24.86 -19.92 3.92
C THR B 24 23.52 -19.31 3.59
N THR B 25 22.45 -19.78 4.22
CA THR B 25 21.09 -19.35 3.91
C THR B 25 20.64 -18.37 4.98
N THR B 26 20.24 -17.17 4.56
CA THR B 26 19.65 -16.19 5.44
C THR B 26 18.25 -15.83 4.94
N LEU B 27 17.30 -15.77 5.86
CA LEU B 27 15.96 -15.32 5.51
C LEU B 27 15.38 -14.61 6.73
N ASN B 28 14.10 -14.26 6.65
CA ASN B 28 13.45 -13.52 7.73
C ASN B 28 12.74 -14.47 8.68
N GLY B 29 12.66 -14.04 9.95
CA GLY B 29 11.87 -14.73 10.94
C GLY B 29 10.94 -13.75 11.64
N LEU B 30 9.93 -14.32 12.31
CA LEU B 30 8.93 -13.57 13.05
C LEU B 30 9.10 -13.89 14.52
N TRP B 31 9.41 -12.88 15.34
CA TRP B 31 9.73 -13.06 16.75
C TRP B 31 8.55 -12.61 17.59
N LEU B 32 7.87 -13.58 18.21
CA LEU B 32 6.71 -13.33 19.05
C LEU B 32 6.89 -14.04 20.38
N ASP B 33 6.77 -13.31 21.47
CA ASP B 33 7.12 -13.85 22.79
C ASP B 33 8.54 -14.42 22.66
N ASP B 34 8.79 -15.65 23.12
CA ASP B 34 10.14 -16.23 23.10
C ASP B 34 10.33 -17.25 21.97
N VAL B 35 9.59 -17.09 20.86
CA VAL B 35 9.70 -18.00 19.73
C VAL B 35 9.93 -17.19 18.46
N VAL B 36 10.82 -17.68 17.61
CA VAL B 36 11.04 -17.15 16.27
C VAL B 36 10.52 -18.19 15.26
N TYR B 37 9.64 -17.76 14.38
CA TYR B 37 9.04 -18.62 13.35
C TYR B 37 9.69 -18.28 12.00
N CYS B 38 10.09 -19.30 11.25
CA CYS B 38 10.64 -19.04 9.92
C CYS B 38 10.43 -20.26 9.03
N PRO B 39 10.63 -20.10 7.72
CA PRO B 39 10.50 -21.26 6.82
C PRO B 39 11.57 -22.31 7.13
N ARG B 40 11.16 -23.58 7.10
CA ARG B 40 12.09 -24.64 7.45
C ARG B 40 13.20 -24.81 6.43
N HIS B 41 13.02 -24.36 5.19
CA HIS B 41 14.07 -24.58 4.19
C HIS B 41 15.33 -23.78 4.48
N VAL B 42 15.33 -22.96 5.53
CA VAL B 42 16.58 -22.31 5.94
C VAL B 42 17.66 -23.34 6.26
N ILE B 43 17.28 -24.57 6.64
CA ILE B 43 18.28 -25.59 6.99
C ILE B 43 18.85 -26.33 5.79
N CYS B 44 18.39 -26.03 4.59
CA CYS B 44 18.82 -26.75 3.40
C CYS B 44 20.05 -26.12 2.81
N THR B 45 20.92 -26.96 2.26
CA THR B 45 21.94 -26.49 1.35
C THR B 45 21.34 -26.44 -0.05
N SER B 46 22.10 -25.93 -1.01
CA SER B 46 21.58 -25.80 -2.36
C SER B 46 21.26 -27.18 -2.96
N GLU B 47 22.04 -28.20 -2.61
CA GLU B 47 21.75 -29.55 -3.09
C GLU B 47 20.50 -30.10 -2.43
N ASP B 48 20.40 -30.00 -1.10
CA ASP B 48 19.23 -30.43 -0.35
C ASP B 48 17.93 -29.98 -1.02
N MET B 49 18.00 -28.86 -1.76
CA MET B 49 16.81 -28.18 -2.28
C MET B 49 15.96 -29.05 -3.17
N LEU B 50 16.57 -29.87 -4.03
CA LEU B 50 15.80 -30.63 -5.00
C LEU B 50 14.86 -31.63 -4.32
N ASN B 51 15.33 -32.30 -3.27
CA ASN B 51 14.56 -33.35 -2.61
C ASN B 51 15.00 -33.46 -1.16
N PRO B 52 14.67 -32.47 -0.35
CA PRO B 52 15.13 -32.48 1.06
C PRO B 52 14.33 -33.47 1.90
N ASN B 53 15.05 -34.16 2.79
CA ASN B 53 14.42 -34.94 3.87
C ASN B 53 14.57 -34.05 5.11
N TYR B 54 13.53 -33.26 5.36
CA TYR B 54 13.62 -32.23 6.40
C TYR B 54 13.81 -32.82 7.78
N GLU B 55 13.16 -33.95 8.06
CA GLU B 55 13.34 -34.59 9.35
C GLU B 55 14.80 -34.99 9.58
N ASP B 56 15.43 -35.59 8.56
N ASP B 56 15.43 -35.59 8.56
CA ASP B 56 16.83 -35.96 8.69
CA ASP B 56 16.83 -35.96 8.68
C ASP B 56 17.73 -34.74 8.81
C ASP B 56 17.72 -34.73 8.81
N LEU B 57 17.47 -33.71 7.99
CA LEU B 57 18.31 -32.52 8.03
C LEU B 57 18.23 -31.84 9.38
N LEU B 58 17.04 -31.83 9.99
CA LEU B 58 16.87 -31.13 11.25
C LEU B 58 17.59 -31.84 12.38
N ILE B 59 17.56 -33.18 12.38
CA ILE B 59 18.28 -33.97 13.37
C ILE B 59 19.76 -33.58 13.41
N ARG B 60 20.32 -33.20 12.27
CA ARG B 60 21.74 -32.86 12.19
C ARG B 60 22.06 -31.48 12.76
N LYS B 61 21.07 -30.63 12.96
CA LYS B 61 21.31 -29.27 13.43
C LYS B 61 21.22 -29.23 14.94
N SER B 62 21.98 -28.31 15.54
CA SER B 62 21.93 -28.02 16.96
C SER B 62 21.46 -26.59 17.12
N ASN B 63 21.11 -26.21 18.36
CA ASN B 63 20.62 -24.86 18.60
C ASN B 63 21.62 -23.81 18.12
N HIS B 64 22.92 -24.05 18.37
CA HIS B 64 23.94 -23.07 18.02
C HIS B 64 24.08 -22.87 16.52
N ASN B 65 23.59 -23.80 15.70
CA ASN B 65 23.64 -23.66 14.25
C ASN B 65 22.70 -22.57 13.73
N PHE B 66 21.79 -22.07 14.56
CA PHE B 66 20.84 -21.04 14.14
C PHE B 66 21.30 -19.69 14.66
N LEU B 67 21.64 -18.79 13.75
CA LEU B 67 22.05 -17.42 14.09
C LEU B 67 20.85 -16.51 13.88
N VAL B 68 20.30 -16.02 14.99
CA VAL B 68 19.11 -15.18 14.97
C VAL B 68 19.53 -13.78 15.42
N GLN B 69 19.24 -12.79 14.59
CA GLN B 69 19.65 -11.42 14.86
C GLN B 69 18.45 -10.50 14.80
N ALA B 70 18.26 -9.76 15.88
CA ALA B 70 17.22 -8.74 15.98
C ALA B 70 17.95 -7.40 15.96
N GLY B 71 17.96 -6.76 14.80
CA GLY B 71 18.81 -5.60 14.63
C GLY B 71 20.25 -5.99 14.93
N ASN B 72 20.87 -5.28 15.86
CA ASN B 72 22.27 -5.48 16.23
C ASN B 72 22.46 -6.52 17.33
N VAL B 73 21.40 -7.21 17.76
CA VAL B 73 21.43 -8.08 18.93
C VAL B 73 21.27 -9.53 18.47
N GLN B 74 22.18 -10.39 18.89
CA GLN B 74 22.07 -11.82 18.62
C GLN B 74 21.21 -12.46 19.71
N LEU B 75 20.17 -13.17 19.30
CA LEU B 75 19.31 -13.88 20.24
C LEU B 75 19.84 -15.29 20.43
N ARG B 76 19.84 -15.74 21.68
CA ARG B 76 20.35 -17.07 22.01
C ARG B 76 19.25 -18.10 21.82
N VAL B 77 19.49 -19.08 20.94
CA VAL B 77 18.54 -20.14 20.66
C VAL B 77 18.73 -21.26 21.68
N ILE B 78 17.64 -21.66 22.33
CA ILE B 78 17.67 -22.69 23.38
C ILE B 78 16.80 -23.90 23.05
N GLY B 79 16.12 -23.89 21.90
CA GLY B 79 15.41 -25.07 21.45
C GLY B 79 14.99 -24.86 20.03
N HIS B 80 14.68 -25.97 19.37
CA HIS B 80 14.18 -25.86 18.01
C HIS B 80 13.27 -27.04 17.73
N SER B 81 12.28 -26.80 16.87
CA SER B 81 11.37 -27.85 16.45
C SER B 81 10.75 -27.44 15.13
N MET B 82 10.13 -28.40 14.46
CA MET B 82 9.53 -28.17 13.16
C MET B 82 8.04 -28.48 13.28
N GLN B 83 7.21 -27.62 12.72
CA GLN B 83 5.77 -27.79 12.68
C GLN B 83 5.39 -27.62 11.21
N ASN B 84 5.05 -28.73 10.56
CA ASN B 84 4.78 -28.70 9.12
C ASN B 84 5.96 -28.01 8.42
N CYS B 85 5.73 -26.93 7.66
CA CYS B 85 6.81 -26.31 6.90
C CYS B 85 7.47 -25.12 7.60
N VAL B 86 7.23 -24.96 8.89
N VAL B 86 7.16 -24.91 8.88
CA VAL B 86 7.82 -23.88 9.65
CA VAL B 86 7.76 -23.80 9.62
C VAL B 86 8.71 -24.43 10.74
C VAL B 86 8.64 -24.37 10.72
N LEU B 87 9.80 -23.72 10.98
N LEU B 87 9.71 -23.65 10.99
CA LEU B 87 10.66 -23.98 12.12
CA LEU B 87 10.63 -23.97 12.08
C LEU B 87 10.26 -23.01 13.22
C LEU B 87 10.35 -22.98 13.22
N LYS B 88 10.31 -23.50 14.45
CA LYS B 88 10.10 -22.71 15.66
C LYS B 88 11.38 -22.76 16.48
N LEU B 89 12.04 -21.61 16.61
CA LEU B 89 13.26 -21.49 17.38
C LEU B 89 12.91 -20.83 18.70
N LYS B 90 13.03 -21.58 19.79
CA LYS B 90 12.84 -20.99 21.10
C LYS B 90 14.10 -20.21 21.47
N VAL B 91 13.92 -18.96 21.88
CA VAL B 91 15.02 -18.09 22.25
C VAL B 91 14.87 -17.75 23.73
N ASP B 92 15.95 -17.27 24.35
CA ASP B 92 15.95 -17.05 25.78
C ASP B 92 15.41 -15.67 26.17
N THR B 93 14.88 -14.91 25.21
CA THR B 93 14.40 -13.56 25.45
C THR B 93 13.07 -13.41 24.73
N ALA B 94 12.05 -12.93 25.44
CA ALA B 94 10.78 -12.62 24.83
C ALA B 94 10.84 -11.25 24.17
N ASN B 95 10.21 -11.11 23.02
CA ASN B 95 10.27 -9.85 22.31
C ASN B 95 9.48 -8.79 23.04
N PRO B 96 10.11 -7.71 23.51
N PRO B 96 10.11 -7.71 23.51
CA PRO B 96 9.35 -6.68 24.23
CA PRO B 96 9.35 -6.67 24.22
C PRO B 96 8.32 -5.98 23.35
C PRO B 96 8.32 -5.99 23.35
N LYS B 97 8.46 -6.07 22.03
CA LYS B 97 7.54 -5.42 21.12
C LYS B 97 6.44 -6.36 20.62
N THR B 98 6.28 -7.54 21.21
CA THR B 98 5.24 -8.47 20.77
C THR B 98 3.86 -7.81 20.88
N PRO B 99 3.10 -7.69 19.80
CA PRO B 99 1.73 -7.17 19.88
C PRO B 99 0.78 -8.28 20.33
N LYS B 100 -0.43 -7.88 20.72
CA LYS B 100 -1.49 -8.88 20.84
C LYS B 100 -1.64 -9.53 19.46
N TYR B 101 -1.65 -10.87 19.43
CA TYR B 101 -1.64 -11.54 18.14
C TYR B 101 -2.44 -12.84 18.16
N LYS B 102 -2.76 -13.29 16.95
CA LYS B 102 -3.36 -14.59 16.70
C LYS B 102 -2.79 -15.10 15.38
N PHE B 103 -2.83 -16.41 15.21
CA PHE B 103 -2.55 -17.08 13.95
C PHE B 103 -3.88 -17.53 13.37
N VAL B 104 -4.15 -17.15 12.12
CA VAL B 104 -5.38 -17.54 11.45
C VAL B 104 -5.05 -18.09 10.08
N ARG B 105 -5.88 -19.00 9.61
CA ARG B 105 -5.79 -19.50 8.24
C ARG B 105 -6.94 -18.89 7.46
N ILE B 106 -6.61 -18.14 6.41
CA ILE B 106 -7.64 -17.41 5.70
C ILE B 106 -8.20 -18.20 4.53
N GLN B 107 -9.34 -17.75 4.02
CA GLN B 107 -10.02 -18.37 2.90
C GLN B 107 -9.74 -17.61 1.62
N PRO B 108 -9.85 -18.27 0.48
CA PRO B 108 -9.69 -17.55 -0.79
C PRO B 108 -10.64 -16.36 -0.88
N GLY B 109 -10.11 -15.25 -1.36
CA GLY B 109 -10.82 -14.00 -1.46
C GLY B 109 -10.52 -13.03 -0.34
N GLN B 110 -10.01 -13.51 0.78
N GLN B 110 -10.04 -13.51 0.79
CA GLN B 110 -9.69 -12.66 1.92
CA GLN B 110 -9.70 -12.63 1.89
C GLN B 110 -8.38 -11.94 1.66
C GLN B 110 -8.41 -11.89 1.58
N THR B 111 -8.34 -10.66 2.04
CA THR B 111 -7.20 -9.78 1.80
C THR B 111 -6.35 -9.68 3.06
N PHE B 112 -5.13 -9.18 2.89
CA PHE B 112 -4.20 -8.98 3.97
C PHE B 112 -3.08 -8.08 3.46
N SER B 113 -2.31 -7.51 4.41
CA SER B 113 -1.13 -6.73 4.07
C SER B 113 0.12 -7.59 4.22
N VAL B 114 1.07 -7.36 3.32
CA VAL B 114 2.38 -8.01 3.36
C VAL B 114 3.41 -6.96 3.75
N LEU B 115 4.26 -7.27 4.72
CA LEU B 115 5.45 -6.47 5.00
C LEU B 115 6.63 -7.21 4.39
N ALA B 116 7.03 -6.77 3.20
CA ALA B 116 8.12 -7.43 2.49
C ALA B 116 9.44 -7.07 3.16
N CYS B 117 10.27 -8.07 3.49
CA CYS B 117 11.50 -7.84 4.23
C CYS B 117 12.64 -8.64 3.60
N TYR B 118 13.86 -8.15 3.84
CA TYR B 118 15.10 -8.80 3.42
C TYR B 118 16.08 -8.63 4.57
N ASN B 119 16.76 -9.72 4.91
CA ASN B 119 17.76 -9.69 6.00
C ASN B 119 17.18 -9.11 7.30
N GLY B 120 15.91 -9.41 7.55
CA GLY B 120 15.25 -8.99 8.77
C GLY B 120 14.80 -7.54 8.82
N SER B 121 14.94 -6.78 7.74
CA SER B 121 14.57 -5.37 7.66
C SER B 121 13.49 -5.13 6.62
N PRO B 122 12.57 -4.21 6.88
CA PRO B 122 11.44 -4.02 5.97
C PRO B 122 11.78 -3.20 4.72
N SER B 123 11.20 -3.62 3.61
CA SER B 123 11.30 -2.92 2.33
C SER B 123 10.05 -2.10 2.06
N GLY B 124 8.86 -2.63 2.34
CA GLY B 124 7.64 -1.89 2.08
C GLY B 124 6.45 -2.74 2.45
N VAL B 125 5.27 -2.13 2.35
CA VAL B 125 4.02 -2.76 2.72
C VAL B 125 3.00 -2.58 1.60
N TYR B 126 2.24 -3.63 1.32
CA TYR B 126 1.21 -3.58 0.29
C TYR B 126 0.10 -4.57 0.63
N GLN B 127 -1.08 -4.34 0.05
CA GLN B 127 -2.25 -5.16 0.27
C GLN B 127 -2.34 -6.18 -0.87
N CYS B 128 -2.79 -7.38 -0.54
N CYS B 128 -2.69 -7.42 -0.49
CA CYS B 128 -3.10 -8.35 -1.58
CA CYS B 128 -2.82 -8.59 -1.36
C CYS B 128 -4.13 -9.34 -1.05
C CYS B 128 -4.18 -9.25 -1.10
N ALA B 129 -4.50 -10.27 -1.90
CA ALA B 129 -5.62 -11.17 -1.62
C ALA B 129 -5.15 -12.60 -1.81
N MET B 130 -5.73 -13.52 -1.05
CA MET B 130 -5.52 -14.93 -1.33
C MET B 130 -6.39 -15.26 -2.57
N ARG B 131 -5.75 -15.64 -3.66
CA ARG B 131 -6.50 -15.91 -4.89
C ARG B 131 -7.27 -17.23 -4.77
N PRO B 132 -8.32 -17.39 -5.58
CA PRO B 132 -9.03 -18.69 -5.61
C PRO B 132 -8.14 -19.89 -5.86
N ASN B 133 -7.03 -19.72 -6.59
CA ASN B 133 -6.07 -20.80 -6.84
C ASN B 133 -4.98 -20.90 -5.78
N PHE B 134 -5.16 -20.24 -4.64
CA PHE B 134 -4.29 -20.36 -3.47
C PHE B 134 -2.89 -19.82 -3.69
N THR B 135 -2.77 -18.84 -4.58
CA THR B 135 -1.55 -18.06 -4.74
C THR B 135 -1.84 -16.62 -4.36
N ILE B 136 -0.79 -15.82 -4.24
CA ILE B 136 -0.96 -14.38 -4.06
C ILE B 136 -0.12 -13.66 -5.11
N LYS B 137 -0.61 -12.51 -5.54
CA LYS B 137 0.07 -11.67 -6.52
C LYS B 137 0.84 -10.61 -5.74
N GLY B 138 2.04 -10.98 -5.32
CA GLY B 138 2.84 -10.14 -4.48
C GLY B 138 3.98 -9.47 -5.22
N SER B 139 4.93 -8.98 -4.44
CA SER B 139 6.17 -8.41 -4.95
C SER B 139 7.26 -8.95 -4.01
N PHE B 140 7.97 -9.98 -4.47
CA PHE B 140 8.92 -10.71 -3.62
C PHE B 140 10.13 -11.09 -4.46
N LEU B 141 11.32 -10.84 -3.93
CA LEU B 141 12.57 -11.29 -4.54
C LEU B 141 13.16 -12.41 -3.70
N ASN B 142 14.11 -13.14 -4.28
CA ASN B 142 14.84 -14.11 -3.48
C ASN B 142 15.39 -13.40 -2.24
N GLY B 143 15.29 -14.06 -1.08
CA GLY B 143 15.61 -13.47 0.20
C GLY B 143 14.42 -13.00 1.01
N SER B 144 13.25 -12.89 0.38
CA SER B 144 12.05 -12.39 1.05
C SER B 144 11.35 -13.47 1.88
N CYS B 145 11.78 -14.71 1.80
CA CYS B 145 11.14 -15.78 2.54
C CYS B 145 11.08 -15.43 4.01
N GLY B 146 9.96 -15.78 4.67
CA GLY B 146 9.72 -15.44 6.05
C GLY B 146 9.03 -14.13 6.25
N SER B 147 8.91 -13.31 5.20
CA SER B 147 8.04 -12.15 5.26
C SER B 147 6.62 -12.64 5.50
N VAL B 148 5.83 -11.86 6.22
CA VAL B 148 4.50 -12.31 6.63
C VAL B 148 3.40 -11.39 6.10
N GLY B 149 2.21 -11.98 6.04
CA GLY B 149 0.98 -11.27 5.77
C GLY B 149 0.09 -11.27 7.00
N PHE B 150 -0.71 -10.22 7.14
CA PHE B 150 -1.46 -10.02 8.35
C PHE B 150 -2.65 -9.11 8.12
N ASN B 151 -3.60 -9.20 9.05
CA ASN B 151 -4.64 -8.21 9.23
C ASN B 151 -4.53 -7.64 10.63
N ILE B 152 -5.08 -6.46 10.83
CA ILE B 152 -5.19 -5.88 12.18
C ILE B 152 -6.68 -5.75 12.49
N ASP B 153 -7.09 -6.20 13.66
CA ASP B 153 -8.48 -6.07 14.15
C ASP B 153 -8.37 -5.29 15.46
N TYR B 154 -8.55 -3.98 15.42
CA TYR B 154 -8.42 -3.08 16.60
C TYR B 154 -6.96 -3.02 17.01
N ASP B 155 -6.55 -3.82 18.01
CA ASP B 155 -5.17 -3.87 18.47
C ASP B 155 -4.54 -5.23 18.26
N CYS B 156 -5.25 -6.17 17.64
CA CYS B 156 -4.81 -7.55 17.54
C CYS B 156 -4.35 -7.82 16.12
N VAL B 157 -3.11 -8.29 15.99
CA VAL B 157 -2.52 -8.64 14.70
C VAL B 157 -2.83 -10.10 14.43
N SER B 158 -3.55 -10.38 13.34
CA SER B 158 -3.84 -11.75 12.94
C SER B 158 -2.89 -12.07 11.79
N PHE B 159 -1.88 -12.88 12.06
CA PHE B 159 -0.95 -13.32 11.03
C PHE B 159 -1.57 -14.48 10.26
N CYS B 160 -1.56 -14.37 8.94
CA CYS B 160 -2.19 -15.37 8.09
C CYS B 160 -1.29 -15.97 7.00
N TYR B 161 -0.10 -15.41 6.74
CA TYR B 161 0.72 -15.87 5.64
C TYR B 161 2.19 -15.71 6.01
N MET B 162 2.98 -16.70 5.61
CA MET B 162 4.44 -16.61 5.62
C MET B 162 4.94 -17.02 4.25
N HIS B 163 5.83 -16.23 3.68
CA HIS B 163 6.26 -16.43 2.30
C HIS B 163 7.33 -17.52 2.17
N HIS B 164 7.14 -18.41 1.18
CA HIS B 164 8.13 -19.45 0.90
C HIS B 164 8.64 -19.53 -0.53
N MET B 165 7.86 -19.15 -1.54
N MET B 165 7.86 -19.17 -1.55
CA MET B 165 8.29 -19.50 -2.90
CA MET B 165 8.34 -19.48 -2.89
C MET B 165 7.60 -18.66 -3.96
C MET B 165 7.62 -18.65 -3.95
N GLU B 166 8.20 -18.66 -5.15
CA GLU B 166 7.60 -18.05 -6.33
C GLU B 166 7.38 -19.13 -7.38
N LEU B 167 6.18 -19.21 -7.89
CA LEU B 167 5.83 -20.19 -8.91
C LEU B 167 6.23 -19.68 -10.29
N PRO B 168 6.25 -20.58 -11.31
CA PRO B 168 6.71 -20.16 -12.64
C PRO B 168 5.95 -18.99 -13.26
N THR B 169 4.68 -18.80 -12.94
CA THR B 169 3.96 -17.67 -13.53
C THR B 169 4.24 -16.35 -12.82
N GLY B 170 5.15 -16.30 -11.84
CA GLY B 170 5.51 -15.07 -11.17
C GLY B 170 4.58 -14.70 -10.05
N VAL B 171 3.76 -15.65 -9.60
CA VAL B 171 2.92 -15.48 -8.43
C VAL B 171 3.55 -16.23 -7.27
N HIS B 172 2.97 -16.10 -6.09
CA HIS B 172 3.64 -16.43 -4.85
C HIS B 172 2.86 -17.43 -4.02
N ALA B 173 3.61 -18.28 -3.31
CA ALA B 173 3.00 -19.32 -2.48
C ALA B 173 3.68 -19.38 -1.13
N GLY B 174 2.90 -19.76 -0.14
CA GLY B 174 3.40 -19.83 1.22
C GLY B 174 2.43 -20.56 2.11
N THR B 175 2.66 -20.39 3.42
CA THR B 175 1.95 -21.14 4.43
C THR B 175 1.21 -20.21 5.39
N ASP B 176 0.35 -20.80 6.20
CA ASP B 176 -0.13 -20.14 7.41
C ASP B 176 0.99 -20.23 8.46
N LEU B 177 0.75 -19.68 9.65
CA LEU B 177 1.81 -19.66 10.66
C LEU B 177 1.92 -20.96 11.44
N GLU B 178 1.07 -21.94 11.13
CA GLU B 178 1.29 -23.33 11.55
C GLU B 178 2.08 -24.12 10.51
N GLY B 179 2.53 -23.48 9.44
CA GLY B 179 3.36 -24.13 8.47
C GLY B 179 2.65 -24.95 7.42
N ASN B 180 1.34 -24.86 7.30
CA ASN B 180 0.60 -25.57 6.27
C ASN B 180 0.42 -24.68 5.04
N PHE B 181 0.87 -25.18 3.89
CA PHE B 181 0.75 -24.40 2.66
C PHE B 181 -0.71 -24.10 2.35
N TYR B 182 -0.92 -22.92 1.78
CA TYR B 182 -2.13 -22.66 1.03
C TYR B 182 -1.94 -23.31 -0.35
N GLY B 183 -2.89 -24.12 -0.78
CA GLY B 183 -2.77 -24.81 -2.04
C GLY B 183 -1.92 -26.06 -1.95
N PRO B 184 -1.71 -26.70 -3.09
CA PRO B 184 -1.04 -28.02 -3.14
C PRO B 184 0.48 -27.96 -3.20
N PHE B 185 1.06 -26.81 -2.94
CA PHE B 185 2.48 -26.60 -3.19
C PHE B 185 3.33 -27.19 -2.08
N VAL B 186 4.60 -27.40 -2.40
CA VAL B 186 5.57 -27.98 -1.49
C VAL B 186 6.85 -27.14 -1.47
N ASP B 187 7.57 -27.18 -0.36
CA ASP B 187 8.79 -26.40 -0.20
C ASP B 187 10.03 -27.20 -0.65
N ARG B 188 10.09 -27.39 -1.96
CA ARG B 188 11.24 -28.00 -2.60
C ARG B 188 11.38 -27.41 -3.98
N GLN B 189 12.57 -27.58 -4.56
CA GLN B 189 12.92 -27.04 -5.86
C GLN B 189 12.53 -28.09 -6.90
N THR B 190 11.26 -28.10 -7.27
CA THR B 190 10.70 -29.14 -8.11
C THR B 190 9.66 -28.49 -9.01
N ALA B 191 9.16 -29.26 -9.97
CA ALA B 191 8.18 -28.75 -10.91
C ALA B 191 6.82 -28.58 -10.21
N GLN B 192 6.32 -27.35 -10.19
CA GLN B 192 5.03 -27.01 -9.61
C GLN B 192 4.41 -25.92 -10.45
N ALA B 193 3.09 -25.85 -10.41
CA ALA B 193 2.38 -24.87 -11.24
C ALA B 193 1.08 -24.47 -10.55
N ALA B 194 0.77 -23.18 -10.63
CA ALA B 194 -0.52 -22.69 -10.18
C ALA B 194 -1.62 -23.17 -11.14
N GLY B 195 -2.78 -23.46 -10.58
CA GLY B 195 -3.97 -23.69 -11.36
C GLY B 195 -4.48 -22.41 -11.99
N THR B 196 -5.44 -22.59 -12.92
CA THR B 196 -6.07 -21.45 -13.54
C THR B 196 -6.81 -20.62 -12.49
N ASP B 197 -6.59 -19.33 -12.51
CA ASP B 197 -7.23 -18.47 -11.51
C ASP B 197 -8.58 -17.96 -12.00
N THR B 198 -9.34 -17.42 -11.06
CA THR B 198 -10.66 -16.88 -11.32
C THR B 198 -10.82 -15.58 -10.55
N THR B 199 -11.88 -14.86 -10.86
CA THR B 199 -12.14 -13.55 -10.28
C THR B 199 -13.04 -13.71 -9.05
N ILE B 200 -12.74 -12.95 -8.01
CA ILE B 200 -13.45 -13.04 -6.74
C ILE B 200 -14.70 -12.17 -6.77
N THR B 201 -15.82 -12.79 -7.13
CA THR B 201 -17.06 -12.08 -7.44
C THR B 201 -17.55 -11.23 -6.29
N VAL B 202 -17.61 -11.79 -5.07
CA VAL B 202 -18.11 -11.02 -3.94
C VAL B 202 -17.30 -9.74 -3.74
N ASN B 203 -15.99 -9.81 -4.02
CA ASN B 203 -15.14 -8.63 -3.88
C ASN B 203 -15.40 -7.62 -4.99
N VAL B 204 -15.61 -8.08 -6.23
CA VAL B 204 -15.99 -7.14 -7.29
C VAL B 204 -17.25 -6.38 -6.91
N LEU B 205 -18.24 -7.10 -6.36
CA LEU B 205 -19.48 -6.44 -5.94
C LEU B 205 -19.19 -5.42 -4.85
N ALA B 206 -18.35 -5.78 -3.86
CA ALA B 206 -17.98 -4.84 -2.82
C ALA B 206 -17.38 -3.56 -3.40
N TRP B 207 -16.47 -3.70 -4.38
CA TRP B 207 -15.84 -2.54 -5.01
C TRP B 207 -16.82 -1.72 -5.82
N LEU B 208 -17.79 -2.36 -6.48
CA LEU B 208 -18.85 -1.60 -7.13
C LEU B 208 -19.65 -0.79 -6.11
N TYR B 209 -19.89 -1.37 -4.91
CA TYR B 209 -20.53 -0.58 -3.86
C TYR B 209 -19.65 0.59 -3.43
N ALA B 210 -18.32 0.39 -3.35
CA ALA B 210 -17.43 1.50 -3.03
C ALA B 210 -17.55 2.60 -4.07
N ALA B 211 -17.67 2.20 -5.34
CA ALA B 211 -17.84 3.18 -6.41
C ALA B 211 -19.12 3.97 -6.21
N VAL B 212 -20.21 3.29 -5.91
CA VAL B 212 -21.47 4.00 -5.69
C VAL B 212 -21.37 4.94 -4.49
N ILE B 213 -20.74 4.48 -3.41
CA ILE B 213 -20.54 5.34 -2.24
C ILE B 213 -19.82 6.62 -2.63
N ASN B 214 -18.88 6.51 -3.56
CA ASN B 214 -18.08 7.64 -4.03
C ASN B 214 -18.71 8.38 -5.20
N GLY B 215 -19.96 8.08 -5.54
CA GLY B 215 -20.68 8.81 -6.57
C GLY B 215 -20.38 8.40 -8.00
N ASP B 216 -19.69 7.31 -8.20
CA ASP B 216 -19.33 6.78 -9.52
C ASP B 216 -20.30 5.63 -9.78
N ARG B 217 -21.38 5.92 -10.53
CA ARG B 217 -22.49 4.97 -10.60
C ARG B 217 -23.08 4.82 -12.00
N TRP B 218 -22.32 5.15 -13.05
CA TRP B 218 -22.83 5.08 -14.42
C TRP B 218 -23.27 3.69 -14.82
N PHE B 219 -22.69 2.65 -14.20
CA PHE B 219 -22.91 1.26 -14.56
C PHE B 219 -24.18 0.67 -13.95
N LEU B 220 -24.88 1.39 -13.09
CA LEU B 220 -26.12 0.86 -12.51
C LEU B 220 -27.23 0.85 -13.57
N ASN B 221 -27.79 -0.31 -13.84
CA ASN B 221 -28.86 -0.46 -14.81
C ASN B 221 -30.20 -0.58 -14.07
N ARG B 222 -31.27 -0.84 -14.84
CA ARG B 222 -32.61 -0.85 -14.28
C ARG B 222 -33.19 -2.25 -14.15
N PHE B 223 -32.33 -3.25 -14.07
CA PHE B 223 -32.78 -4.64 -14.04
C PHE B 223 -32.39 -5.30 -12.73
N THR B 224 -32.99 -6.46 -12.51
CA THR B 224 -32.57 -7.36 -11.46
C THR B 224 -32.26 -8.72 -12.09
N THR B 225 -31.75 -9.62 -11.27
CA THR B 225 -31.44 -10.96 -11.75
C THR B 225 -31.67 -11.90 -10.59
N THR B 226 -31.68 -13.19 -10.87
CA THR B 226 -31.65 -14.18 -9.81
C THR B 226 -30.20 -14.60 -9.58
N LEU B 227 -29.96 -15.20 -8.43
CA LEU B 227 -28.63 -15.73 -8.16
C LEU B 227 -28.26 -16.79 -9.18
N ASN B 228 -29.21 -17.64 -9.57
CA ASN B 228 -28.95 -18.65 -10.58
C ASN B 228 -28.54 -18.02 -11.91
N ASP B 229 -29.34 -17.07 -12.39
CA ASP B 229 -29.07 -16.52 -13.71
C ASP B 229 -27.77 -15.73 -13.70
N PHE B 230 -27.46 -15.06 -12.58
CA PHE B 230 -26.18 -14.38 -12.49
C PHE B 230 -25.02 -15.38 -12.55
N ASN B 231 -25.09 -16.46 -11.78
CA ASN B 231 -23.99 -17.42 -11.74
C ASN B 231 -23.78 -18.09 -13.09
N LEU B 232 -24.83 -18.28 -13.88
CA LEU B 232 -24.65 -18.83 -15.22
C LEU B 232 -23.75 -17.93 -16.06
N VAL B 233 -23.91 -16.61 -15.91
CA VAL B 233 -23.05 -15.68 -16.61
C VAL B 233 -21.65 -15.63 -16.00
N ALA B 234 -21.57 -15.59 -14.68
CA ALA B 234 -20.27 -15.57 -14.00
C ALA B 234 -19.38 -16.70 -14.47
N MET B 235 -19.93 -17.90 -14.58
CA MET B 235 -19.11 -19.03 -15.00
C MET B 235 -18.46 -18.76 -16.36
N LYS B 236 -19.20 -18.14 -17.29
CA LYS B 236 -18.68 -17.89 -18.63
C LYS B 236 -17.52 -16.92 -18.66
N TYR B 237 -17.34 -16.11 -17.62
CA TYR B 237 -16.31 -15.08 -17.56
C TYR B 237 -15.28 -15.37 -16.49
N ASN B 238 -15.20 -16.61 -16.03
CA ASN B 238 -14.16 -17.04 -15.08
C ASN B 238 -14.29 -16.34 -13.75
N TYR B 239 -15.52 -16.10 -13.33
CA TYR B 239 -15.84 -15.56 -12.01
C TYR B 239 -16.25 -16.69 -11.09
N GLU B 240 -15.96 -16.53 -9.81
CA GLU B 240 -16.39 -17.47 -8.79
C GLU B 240 -17.89 -17.41 -8.61
N PRO B 241 -18.52 -18.51 -8.18
CA PRO B 241 -19.94 -18.44 -7.84
C PRO B 241 -20.20 -17.48 -6.69
N LEU B 242 -21.37 -16.86 -6.75
CA LEU B 242 -21.87 -16.05 -5.65
C LEU B 242 -22.87 -16.89 -4.86
N THR B 243 -22.71 -16.91 -3.54
CA THR B 243 -23.60 -17.64 -2.66
C THR B 243 -24.52 -16.70 -1.89
N GLN B 244 -25.55 -17.31 -1.27
CA GLN B 244 -26.44 -16.53 -0.41
C GLN B 244 -25.68 -15.93 0.77
N ASP B 245 -24.69 -16.64 1.31
CA ASP B 245 -23.87 -16.04 2.35
C ASP B 245 -23.18 -14.76 1.87
N HIS B 246 -22.64 -14.77 0.64
CA HIS B 246 -22.07 -13.55 0.09
C HIS B 246 -23.13 -12.44 0.02
N VAL B 247 -24.34 -12.78 -0.47
CA VAL B 247 -25.43 -11.81 -0.56
C VAL B 247 -25.68 -11.17 0.80
N ASP B 248 -25.76 -11.99 1.86
CA ASP B 248 -26.04 -11.46 3.18
C ASP B 248 -24.85 -10.68 3.74
N ILE B 249 -23.63 -11.08 3.43
CA ILE B 249 -22.45 -10.30 3.84
C ILE B 249 -22.48 -8.91 3.22
N LEU B 250 -22.98 -8.79 2.00
CA LEU B 250 -23.09 -7.52 1.27
C LEU B 250 -24.31 -6.70 1.70
N GLY B 251 -25.12 -7.20 2.62
CA GLY B 251 -26.35 -6.53 3.03
C GLY B 251 -26.17 -5.10 3.47
N PRO B 252 -25.28 -4.85 4.45
CA PRO B 252 -25.11 -3.45 4.92
C PRO B 252 -24.67 -2.50 3.82
N LEU B 253 -23.76 -2.90 2.93
CA LEU B 253 -23.41 -2.05 1.79
C LEU B 253 -24.61 -1.81 0.88
N SER B 254 -25.43 -2.84 0.67
CA SER B 254 -26.65 -2.66 -0.14
C SER B 254 -27.61 -1.68 0.50
N ALA B 255 -27.72 -1.71 1.82
CA ALA B 255 -28.63 -0.82 2.53
C ALA B 255 -28.08 0.61 2.58
N GLN B 256 -26.78 0.76 2.84
CA GLN B 256 -26.13 2.08 2.79
C GLN B 256 -26.38 2.77 1.45
N THR B 257 -26.26 2.04 0.34
CA THR B 257 -26.32 2.64 -0.98
C THR B 257 -27.71 2.60 -1.60
N GLY B 258 -28.63 1.81 -1.08
CA GLY B 258 -29.93 1.67 -1.68
C GLY B 258 -30.02 0.75 -2.87
N ILE B 259 -28.97 -0.01 -3.15
CA ILE B 259 -28.93 -0.88 -4.33
C ILE B 259 -28.90 -2.32 -3.81
N ALA B 260 -30.00 -3.04 -3.97
CA ALA B 260 -30.06 -4.42 -3.53
C ALA B 260 -28.98 -5.27 -4.23
N VAL B 261 -28.51 -6.31 -3.55
CA VAL B 261 -27.41 -7.12 -4.10
C VAL B 261 -27.77 -7.69 -5.47
N LEU B 262 -28.96 -8.24 -5.62
CA LEU B 262 -29.31 -8.84 -6.91
C LEU B 262 -29.44 -7.78 -8.01
N ASP B 263 -29.77 -6.53 -7.65
CA ASP B 263 -29.75 -5.45 -8.63
C ASP B 263 -28.30 -5.11 -9.02
N MET B 264 -27.39 -5.05 -8.03
CA MET B 264 -25.99 -4.87 -8.37
C MET B 264 -25.49 -6.01 -9.25
N CYS B 265 -25.94 -7.24 -8.98
CA CYS B 265 -25.54 -8.37 -9.81
C CYS B 265 -26.01 -8.21 -11.25
N ALA B 266 -27.19 -7.65 -11.47
CA ALA B 266 -27.65 -7.40 -12.82
C ALA B 266 -26.75 -6.39 -13.52
N SER B 267 -26.30 -5.36 -12.80
CA SER B 267 -25.38 -4.38 -13.36
C SER B 267 -24.03 -5.02 -13.69
N LEU B 268 -23.52 -5.88 -12.80
CA LEU B 268 -22.28 -6.60 -13.07
C LEU B 268 -22.43 -7.54 -14.27
N LYS B 269 -23.57 -8.23 -14.37
CA LYS B 269 -23.84 -9.08 -15.54
C LYS B 269 -23.68 -8.29 -16.83
N GLU B 270 -24.26 -7.08 -16.88
CA GLU B 270 -24.18 -6.27 -18.09
C GLU B 270 -22.74 -5.82 -18.35
N LEU B 271 -21.99 -5.48 -17.29
CA LEU B 271 -20.58 -5.13 -17.46
C LEU B 271 -19.79 -6.28 -18.05
N LEU B 272 -20.07 -7.50 -17.61
CA LEU B 272 -19.36 -8.67 -18.14
C LEU B 272 -19.72 -8.94 -19.58
N GLN B 273 -21.01 -8.84 -19.92
CA GLN B 273 -21.46 -9.21 -21.27
C GLN B 273 -21.13 -8.15 -22.31
N ASN B 274 -21.15 -6.87 -21.92
CA ASN B 274 -20.94 -5.76 -22.84
C ASN B 274 -19.57 -5.10 -22.69
N GLY B 275 -18.87 -5.36 -21.60
CA GLY B 275 -17.62 -4.68 -21.33
C GLY B 275 -17.84 -3.28 -20.79
N MET B 276 -16.73 -2.63 -20.48
CA MET B 276 -16.73 -1.27 -19.97
C MET B 276 -16.67 -0.20 -21.06
N ASN B 277 -16.44 -0.59 -22.32
CA ASN B 277 -16.52 0.34 -23.45
C ASN B 277 -15.67 1.59 -23.25
N GLY B 278 -14.47 1.40 -22.71
CA GLY B 278 -13.53 2.50 -22.53
C GLY B 278 -13.78 3.36 -21.31
N ARG B 279 -14.75 3.01 -20.47
CA ARG B 279 -15.06 3.80 -19.29
C ARG B 279 -14.26 3.25 -18.11
N THR B 280 -14.11 4.07 -17.08
CA THR B 280 -13.45 3.65 -15.85
C THR B 280 -14.44 3.63 -14.69
N ILE B 281 -14.07 2.89 -13.65
CA ILE B 281 -14.78 2.86 -12.37
C ILE B 281 -13.72 3.04 -11.29
N LEU B 282 -13.88 4.07 -10.46
CA LEU B 282 -12.89 4.40 -9.43
C LEU B 282 -11.48 4.45 -10.01
N GLY B 283 -11.37 5.04 -11.19
CA GLY B 283 -10.09 5.24 -11.83
C GLY B 283 -9.52 4.02 -12.50
N SER B 284 -10.23 2.90 -12.52
CA SER B 284 -9.73 1.65 -13.05
C SER B 284 -10.46 1.29 -14.33
N ALA B 285 -9.71 0.78 -15.31
CA ALA B 285 -10.31 0.28 -16.55
C ALA B 285 -10.63 -1.22 -16.51
N LEU B 286 -10.43 -1.87 -15.37
CA LEU B 286 -10.78 -3.26 -15.14
C LEU B 286 -11.59 -3.34 -13.87
N LEU B 287 -12.30 -4.45 -13.71
CA LEU B 287 -13.08 -4.67 -12.49
C LEU B 287 -12.14 -5.23 -11.42
N GLU B 288 -12.08 -4.53 -10.28
N GLU B 288 -12.07 -4.54 -10.27
CA GLU B 288 -11.15 -4.85 -9.21
CA GLU B 288 -11.11 -4.86 -9.22
C GLU B 288 -11.74 -5.85 -8.23
C GLU B 288 -11.72 -5.84 -8.23
N ASP B 289 -10.94 -6.86 -7.86
CA ASP B 289 -11.43 -7.94 -7.00
C ASP B 289 -10.60 -8.17 -5.74
N GLU B 290 -9.74 -7.24 -5.34
CA GLU B 290 -8.92 -7.40 -4.14
C GLU B 290 -9.33 -6.41 -3.02
N PHE B 291 -10.62 -6.09 -2.95
CA PHE B 291 -11.23 -5.44 -1.79
C PHE B 291 -12.39 -6.32 -1.31
N THR B 292 -12.37 -6.72 -0.05
CA THR B 292 -13.48 -7.44 0.53
C THR B 292 -14.58 -6.45 0.94
N PRO B 293 -15.79 -6.97 1.23
CA PRO B 293 -16.84 -6.09 1.79
C PRO B 293 -16.36 -5.30 3.00
N PHE B 294 -15.66 -5.96 3.92
CA PHE B 294 -15.20 -5.23 5.10
C PHE B 294 -14.11 -4.22 4.77
N ASP B 295 -13.25 -4.50 3.78
CA ASP B 295 -12.27 -3.52 3.35
C ASP B 295 -12.96 -2.23 2.91
N VAL B 296 -14.08 -2.35 2.21
CA VAL B 296 -14.81 -1.18 1.76
C VAL B 296 -15.38 -0.42 2.94
N VAL B 297 -16.03 -1.12 3.87
CA VAL B 297 -16.62 -0.47 5.03
C VAL B 297 -15.52 0.21 5.85
N ARG B 298 -14.41 -0.50 6.08
CA ARG B 298 -13.28 0.07 6.84
C ARG B 298 -12.80 1.38 6.25
N GLN B 299 -12.54 1.39 4.95
CA GLN B 299 -11.93 2.54 4.32
C GLN B 299 -12.90 3.71 4.22
N CYS B 300 -14.15 3.43 3.85
CA CYS B 300 -15.14 4.48 3.68
C CYS B 300 -15.68 5.00 5.02
N SER B 301 -15.38 4.32 6.14
CA SER B 301 -15.77 4.75 7.48
C SER B 301 -14.63 5.36 8.27
N GLY B 302 -13.39 5.20 7.83
CA GLY B 302 -12.28 5.71 8.60
C GLY B 302 -11.93 4.89 9.82
N VAL B 303 -12.08 3.56 9.75
CA VAL B 303 -11.73 2.71 10.87
C VAL B 303 -10.25 2.80 11.17
N THR B 304 -9.89 2.88 12.46
CA THR B 304 -8.49 3.01 12.86
C THR B 304 -8.09 1.85 13.77
N PHE B 305 -6.79 1.77 14.03
CA PHE B 305 -6.19 0.70 14.82
C PHE B 305 -5.33 1.27 15.94
#